data_8SIW
#
_entry.id   8SIW
#
_cell.length_a   44.998
_cell.length_b   66.121
_cell.length_c   110.295
_cell.angle_alpha   90.00
_cell.angle_beta   101.27
_cell.angle_gamma   90.00
#
_symmetry.space_group_name_H-M   'P 1 21 1'
#
loop_
_entity.id
_entity.type
_entity.pdbx_description
1 polymer 'Serine/threonine-protein kinase Chk1'
2 non-polymer (1S,2S)-N-(7-chloro-6-{1-[(3R,4R)-4-hydroxy-3-methyloxolan-3-yl]piperidin-4-yl}isoquinolin-3-yl)-2-(1-methyl-1H-pyrazol-4-yl)cyclopropane-1-carboxamide
3 water water
#
_entity_poly.entity_id   1
_entity_poly.type   'polypeptide(L)'
_entity_poly.pdbx_seq_one_letter_code
;MAVPFVEDWDLVQTLGEGAYGEVQLAVNRVTEEAVAVKIVDMKRAVDCPENIKKEICILKMLNHENVIKFYGHRREGNIQ
YLFMELASGGSLFDRIEPDIGMPEPDAQRFFHQLMAGVVYLHGIGITHRDIKPHNLLLDERDNLKIADYSLATVFRYNNR
ERLLNKMCGTLPYVAPELLKRREFHAEPVDVWSCGIVLTAMLAGELPWDQPSDSCQEYSDWKEKKTYLNPWKKIDSAPLA
LLHKILVENPSARITIPDIKKDRWYNKPLKKGAKRPRVTSGGVSESPSGHHHHHHHH
;
_entity_poly.pdbx_strand_id   A,B
#
loop_
_chem_comp.id
_chem_comp.type
_chem_comp.name
_chem_comp.formula
ZXL non-polymer (1S,2S)-N-(7-chloro-6-{1-[(3R,4R)-4-hydroxy-3-methyloxolan-3-yl]piperidin-4-yl}isoquinolin-3-yl)-2-(1-methyl-1H-pyrazol-4-yl)cyclopropane-1-carboxamide 'C27 H32 Cl N5 O3'
#
# COMPACT_ATOMS: atom_id res chain seq x y z
N PRO A 4 -2.81 -4.14 55.49
CA PRO A 4 -3.43 -5.44 55.24
C PRO A 4 -2.45 -6.61 55.31
N PHE A 5 -2.94 -7.82 55.62
CA PHE A 5 -2.11 -9.02 55.68
C PHE A 5 -2.79 -10.22 55.01
N VAL A 6 -2.10 -10.86 54.07
CA VAL A 6 -2.66 -11.99 53.33
C VAL A 6 -1.70 -13.18 53.34
N GLU A 7 -2.08 -14.27 54.02
CA GLU A 7 -1.29 -15.51 54.15
C GLU A 7 0.03 -15.31 54.93
N ASP A 8 1.07 -14.73 54.28
CA ASP A 8 2.36 -14.47 54.91
C ASP A 8 3.01 -13.17 54.37
N TRP A 9 2.20 -12.22 53.85
CA TRP A 9 2.67 -10.95 53.29
C TRP A 9 1.97 -9.73 53.93
N ASP A 10 2.60 -8.54 53.83
CA ASP A 10 2.07 -7.28 54.35
C ASP A 10 2.06 -6.22 53.26
N LEU A 11 0.89 -6.00 52.64
CA LEU A 11 0.69 -5.05 51.54
C LEU A 11 0.76 -3.58 52.04
N VAL A 12 1.95 -2.96 51.98
CA VAL A 12 2.17 -1.63 52.51
C VAL A 12 2.01 -0.45 51.49
N GLN A 13 2.75 -0.44 50.38
CA GLN A 13 2.75 0.69 49.46
C GLN A 13 2.01 0.48 48.15
N THR A 14 1.15 1.43 47.74
CA THR A 14 0.47 1.34 46.45
C THR A 14 1.44 1.79 45.33
N LEU A 15 1.77 0.86 44.43
CA LEU A 15 2.71 1.09 43.34
C LEU A 15 2.05 1.58 42.05
N GLY A 16 0.76 1.30 41.89
CA GLY A 16 0.02 1.70 40.70
C GLY A 16 -1.34 1.03 40.58
N GLU A 17 -2.08 1.35 39.52
CA GLU A 17 -3.40 0.76 39.31
C GLU A 17 -3.77 0.73 37.84
N GLY A 18 -4.39 -0.37 37.43
CA GLY A 18 -4.83 -0.54 36.06
C GLY A 18 -6.33 -0.64 35.94
N ALA A 19 -6.80 -1.13 34.79
CA ALA A 19 -8.22 -1.30 34.54
C ALA A 19 -8.79 -2.36 35.48
N TYR A 20 -8.06 -3.46 35.68
CA TYR A 20 -8.50 -4.52 36.57
C TYR A 20 -7.53 -4.67 37.72
N GLY A 21 -7.91 -4.13 38.87
CA GLY A 21 -7.11 -4.22 40.07
C GLY A 21 -6.11 -3.11 40.31
N GLU A 22 -5.12 -3.40 41.17
CA GLU A 22 -4.06 -2.49 41.57
C GLU A 22 -2.79 -3.26 41.96
N VAL A 23 -1.63 -2.59 41.96
CA VAL A 23 -0.36 -3.22 42.33
C VAL A 23 0.12 -2.66 43.68
N GLN A 24 0.48 -3.54 44.63
CA GLN A 24 0.97 -3.13 45.95
C GLN A 24 2.31 -3.82 46.36
N LEU A 25 3.04 -3.24 47.33
CA LEU A 25 4.31 -3.75 47.85
C LEU A 25 4.06 -4.79 48.94
N ALA A 26 4.58 -6.02 48.79
CA ALA A 26 4.39 -7.06 49.78
C ALA A 26 5.69 -7.59 50.39
N VAL A 27 6.03 -7.15 51.60
CA VAL A 27 7.24 -7.61 52.28
C VAL A 27 6.87 -8.69 53.29
N ASN A 28 7.26 -9.94 52.98
CA ASN A 28 7.01 -11.15 53.75
C ASN A 28 7.32 -10.97 55.23
N ARG A 29 6.35 -11.24 56.12
CA ARG A 29 6.58 -11.11 57.58
C ARG A 29 7.62 -12.12 58.09
N VAL A 30 7.80 -13.23 57.36
CA VAL A 30 8.75 -14.30 57.69
C VAL A 30 10.16 -14.07 57.10
N THR A 31 10.29 -13.95 55.75
CA THR A 31 11.60 -13.81 55.08
C THR A 31 12.01 -12.37 54.67
N GLU A 32 11.10 -11.39 54.73
CA GLU A 32 11.34 -9.98 54.39
C GLU A 32 11.57 -9.71 52.88
N GLU A 33 11.29 -10.71 52.01
CA GLU A 33 11.46 -10.55 50.56
C GLU A 33 10.43 -9.57 50.02
N ALA A 34 10.90 -8.51 49.37
CA ALA A 34 10.04 -7.50 48.80
C ALA A 34 9.60 -7.82 47.37
N VAL A 35 8.28 -7.92 47.17
CA VAL A 35 7.69 -8.21 45.86
C VAL A 35 6.55 -7.19 45.55
N ALA A 36 6.03 -7.20 44.32
CA ALA A 36 4.91 -6.39 43.90
C ALA A 36 3.77 -7.35 43.59
N VAL A 37 2.62 -7.12 44.23
CA VAL A 37 1.43 -7.96 44.12
C VAL A 37 0.30 -7.24 43.39
N LYS A 38 -0.18 -7.85 42.32
CA LYS A 38 -1.31 -7.34 41.57
C LYS A 38 -2.57 -7.98 42.18
N ILE A 39 -3.36 -7.20 42.93
CA ILE A 39 -4.59 -7.65 43.59
C ILE A 39 -5.79 -7.43 42.68
N VAL A 40 -6.29 -8.49 42.05
CA VAL A 40 -7.41 -8.37 41.11
C VAL A 40 -8.74 -8.89 41.66
N ASP A 41 -9.73 -7.99 41.85
CA ASP A 41 -11.06 -8.41 42.32
C ASP A 41 -11.78 -9.13 41.16
N MET A 42 -12.31 -10.34 41.44
CA MET A 42 -13.01 -11.20 40.49
C MET A 42 -12.05 -11.93 39.56
N PRO A 49 -12.16 -12.77 34.76
CA PRO A 49 -12.82 -13.73 33.84
C PRO A 49 -11.78 -14.71 33.24
N GLU A 50 -11.99 -15.19 31.99
CA GLU A 50 -10.99 -16.03 31.32
C GLU A 50 -9.73 -15.20 30.93
N ASN A 51 -9.74 -13.87 31.25
CA ASN A 51 -8.66 -12.93 31.02
C ASN A 51 -7.56 -13.11 32.07
N ILE A 52 -7.92 -13.41 33.35
CA ILE A 52 -6.89 -13.68 34.34
C ILE A 52 -6.27 -15.06 34.12
N LYS A 53 -7.00 -16.00 33.50
CA LYS A 53 -6.46 -17.32 33.16
C LYS A 53 -5.34 -17.13 32.12
N LYS A 54 -5.59 -16.28 31.10
CA LYS A 54 -4.66 -15.92 30.03
C LYS A 54 -3.43 -15.13 30.54
N GLU A 55 -3.65 -14.21 31.50
CA GLU A 55 -2.56 -13.43 32.07
C GLU A 55 -1.57 -14.33 32.82
N ILE A 56 -2.05 -15.09 33.85
CA ILE A 56 -1.21 -16.01 34.64
C ILE A 56 -0.51 -17.03 33.73
N CYS A 57 -1.20 -17.46 32.68
CA CYS A 57 -0.63 -18.38 31.70
C CYS A 57 0.58 -17.73 31.00
N ILE A 58 0.38 -16.58 30.30
CA ILE A 58 1.43 -15.85 29.60
C ILE A 58 2.63 -15.55 30.53
N LEU A 59 2.34 -15.04 31.73
CA LEU A 59 3.35 -14.75 32.73
C LEU A 59 4.25 -15.93 33.05
N LYS A 60 3.70 -17.17 33.06
CA LYS A 60 4.46 -18.40 33.34
C LYS A 60 5.57 -18.60 32.31
N MET A 61 5.24 -18.45 31.00
CA MET A 61 6.17 -18.57 29.86
C MET A 61 7.36 -17.60 29.90
N LEU A 62 7.30 -16.54 30.72
CA LEU A 62 8.32 -15.48 30.73
C LEU A 62 9.57 -15.73 31.53
N ASN A 63 10.73 -15.73 30.83
CA ASN A 63 12.04 -15.87 31.45
C ASN A 63 13.10 -15.03 30.69
N HIS A 64 13.24 -13.73 31.02
CA HIS A 64 14.21 -12.85 30.36
C HIS A 64 14.64 -11.71 31.26
N GLU A 65 15.89 -11.24 31.10
CA GLU A 65 16.46 -10.15 31.90
C GLU A 65 15.74 -8.82 31.74
N ASN A 66 15.10 -8.58 30.58
CA ASN A 66 14.38 -7.32 30.36
C ASN A 66 12.85 -7.47 30.41
N VAL A 67 12.37 -8.49 31.12
CA VAL A 67 10.96 -8.80 31.32
C VAL A 67 10.78 -9.06 32.80
N ILE A 68 9.82 -8.36 33.46
CA ILE A 68 9.48 -8.47 34.88
C ILE A 68 9.37 -9.95 35.35
N LYS A 69 9.97 -10.27 36.52
CA LYS A 69 9.94 -11.62 37.08
C LYS A 69 8.55 -11.99 37.62
N PHE A 70 8.01 -13.15 37.21
CA PHE A 70 6.73 -13.69 37.66
C PHE A 70 7.05 -14.75 38.71
N TYR A 71 6.46 -14.64 39.90
CA TYR A 71 6.76 -15.59 40.98
C TYR A 71 5.72 -16.72 41.12
N GLY A 72 4.46 -16.37 40.99
CA GLY A 72 3.36 -17.32 41.07
C GLY A 72 2.02 -16.63 41.30
N HIS A 73 0.99 -17.40 41.68
CA HIS A 73 -0.32 -16.81 41.93
C HIS A 73 -1.11 -17.52 43.03
N ARG A 74 -1.72 -16.72 43.93
CA ARG A 74 -2.55 -17.22 45.03
C ARG A 74 -4.02 -16.73 44.88
N ARG A 75 -4.92 -17.09 45.83
CA ARG A 75 -6.31 -16.66 45.75
C ARG A 75 -6.95 -16.44 47.15
N GLU A 76 -8.10 -15.75 47.18
CA GLU A 76 -8.87 -15.47 48.38
C GLU A 76 -10.36 -15.30 48.04
N GLY A 77 -10.93 -16.32 47.41
CA GLY A 77 -12.33 -16.35 46.99
C GLY A 77 -12.54 -15.62 45.68
N ASN A 78 -12.83 -14.31 45.76
CA ASN A 78 -13.00 -13.49 44.57
C ASN A 78 -11.67 -12.79 44.24
N ILE A 79 -10.94 -12.33 45.27
CA ILE A 79 -9.66 -11.63 45.15
C ILE A 79 -8.48 -12.52 44.70
N GLN A 80 -7.87 -12.17 43.55
CA GLN A 80 -6.71 -12.87 42.99
C GLN A 80 -5.40 -12.17 43.38
N TYR A 81 -4.32 -12.95 43.54
CA TYR A 81 -3.04 -12.38 43.89
C TYR A 81 -1.96 -12.78 42.88
N LEU A 82 -1.40 -11.79 42.17
CA LEU A 82 -0.35 -12.03 41.17
C LEU A 82 1.00 -11.56 41.70
N PHE A 83 1.97 -12.48 41.77
CA PHE A 83 3.30 -12.17 42.30
C PHE A 83 4.30 -11.75 41.23
N MET A 84 4.99 -10.62 41.49
CA MET A 84 5.96 -10.02 40.57
C MET A 84 7.17 -9.41 41.27
N GLU A 85 8.29 -9.32 40.55
CA GLU A 85 9.54 -8.72 41.01
C GLU A 85 9.31 -7.24 41.30
N LEU A 86 9.80 -6.74 42.45
CA LEU A 86 9.70 -5.31 42.70
C LEU A 86 10.80 -4.66 41.88
N ALA A 87 10.42 -3.73 41.01
CA ALA A 87 11.38 -3.00 40.20
C ALA A 87 11.74 -1.85 41.09
N SER A 88 12.81 -1.98 41.86
CA SER A 88 13.23 -1.01 42.86
C SER A 88 13.76 0.32 42.34
N GLY A 89 13.73 0.52 41.02
CA GLY A 89 14.20 1.75 40.41
C GLY A 89 13.10 2.65 39.84
N GLY A 90 11.86 2.22 39.96
CA GLY A 90 10.73 2.99 39.46
C GLY A 90 10.40 2.71 38.02
N SER A 91 9.91 3.71 37.30
CA SER A 91 9.53 3.56 35.89
C SER A 91 10.32 4.50 35.01
N LEU A 92 10.33 4.23 33.69
CA LEU A 92 10.98 5.05 32.68
C LEU A 92 10.26 6.41 32.55
N PHE A 93 8.94 6.45 32.76
CA PHE A 93 8.15 7.67 32.68
C PHE A 93 8.70 8.73 33.65
N ASP A 94 9.09 8.29 34.86
CA ASP A 94 9.60 9.15 35.91
C ASP A 94 11.07 9.58 35.72
N ARG A 95 11.75 9.06 34.68
CA ARG A 95 13.10 9.45 34.27
C ARG A 95 13.09 10.38 33.04
N ILE A 96 11.92 10.67 32.45
CA ILE A 96 11.82 11.52 31.29
C ILE A 96 11.40 12.88 31.82
N GLU A 97 12.21 13.92 31.57
CA GLU A 97 11.89 15.26 32.04
C GLU A 97 11.07 15.96 30.99
N PRO A 98 9.89 16.51 31.37
CA PRO A 98 9.02 17.16 30.37
C PRO A 98 9.70 18.23 29.52
N ASP A 99 9.47 18.22 28.20
CA ASP A 99 10.02 19.11 27.17
C ASP A 99 11.54 18.96 26.90
N ILE A 100 12.22 18.13 27.69
CA ILE A 100 13.65 17.91 27.55
C ILE A 100 13.97 16.43 27.19
N GLY A 101 13.51 15.52 28.02
CA GLY A 101 13.75 14.10 27.85
C GLY A 101 14.80 13.55 28.79
N MET A 102 15.88 13.05 28.21
CA MET A 102 16.99 12.50 28.95
C MET A 102 18.27 12.56 28.10
N PRO A 103 19.46 12.42 28.71
CA PRO A 103 20.70 12.43 27.90
C PRO A 103 20.64 11.30 26.88
N GLU A 104 20.98 11.60 25.63
CA GLU A 104 20.96 10.64 24.55
C GLU A 104 21.69 9.29 24.89
N PRO A 105 22.83 9.26 25.61
CA PRO A 105 23.44 7.96 25.95
C PRO A 105 22.53 7.10 26.84
N ASP A 106 21.70 7.73 27.71
CA ASP A 106 20.77 6.98 28.58
C ASP A 106 19.63 6.42 27.76
N ALA A 107 19.08 7.25 26.84
CA ALA A 107 18.04 6.88 25.92
C ALA A 107 18.48 5.68 25.07
N GLN A 108 19.67 5.70 24.48
CA GLN A 108 20.16 4.59 23.67
C GLN A 108 20.25 3.30 24.45
N ARG A 109 20.80 3.35 25.67
CA ARG A 109 20.93 2.15 26.52
C ARG A 109 19.56 1.59 26.85
N PHE A 110 18.59 2.46 27.24
CA PHE A 110 17.22 2.06 27.52
C PHE A 110 16.57 1.46 26.26
N PHE A 111 16.77 2.07 25.06
CA PHE A 111 16.23 1.57 23.80
C PHE A 111 16.88 0.21 23.39
N HIS A 112 18.19 -0.01 23.71
CA HIS A 112 18.79 -1.32 23.42
C HIS A 112 18.09 -2.39 24.30
N GLN A 113 17.86 -2.08 25.59
CA GLN A 113 17.25 -3.01 26.53
C GLN A 113 15.80 -3.27 26.25
N LEU A 114 15.09 -2.29 25.71
CA LEU A 114 13.71 -2.44 25.29
C LEU A 114 13.66 -3.33 24.05
N MET A 115 14.61 -3.19 23.10
CA MET A 115 14.64 -4.06 21.92
C MET A 115 14.95 -5.50 22.34
N ALA A 116 15.86 -5.68 23.32
CA ALA A 116 16.17 -7.02 23.81
C ALA A 116 14.92 -7.72 24.43
N GLY A 117 14.06 -6.95 25.08
CA GLY A 117 12.82 -7.44 25.68
C GLY A 117 11.74 -7.71 24.67
N VAL A 118 11.61 -6.82 23.67
CA VAL A 118 10.60 -6.99 22.63
C VAL A 118 10.97 -8.17 21.75
N VAL A 119 12.27 -8.36 21.42
CA VAL A 119 12.78 -9.52 20.63
C VAL A 119 12.43 -10.85 21.31
N TYR A 120 12.72 -10.93 22.64
CA TYR A 120 12.42 -12.09 23.43
C TYR A 120 10.91 -12.44 23.36
N LEU A 121 10.02 -11.46 23.73
CA LEU A 121 8.55 -11.63 23.70
C LEU A 121 8.10 -12.07 22.34
N HIS A 122 8.57 -11.41 21.27
CA HIS A 122 8.21 -11.82 19.91
C HIS A 122 8.69 -13.23 19.54
N GLY A 123 9.85 -13.62 20.07
CA GLY A 123 10.42 -14.94 19.83
C GLY A 123 9.58 -16.03 20.47
N ILE A 124 8.91 -15.73 21.61
CA ILE A 124 8.03 -16.71 22.25
C ILE A 124 6.55 -16.61 21.79
N GLY A 125 6.30 -15.83 20.73
CA GLY A 125 4.98 -15.63 20.14
C GLY A 125 4.07 -14.76 20.97
N ILE A 126 4.65 -13.91 21.84
CA ILE A 126 3.89 -13.01 22.70
C ILE A 126 4.00 -11.55 22.23
N THR A 127 2.89 -10.83 22.21
CA THR A 127 2.91 -9.38 21.90
C THR A 127 2.41 -8.65 23.13
N HIS A 128 3.16 -7.63 23.63
CA HIS A 128 2.78 -6.88 24.85
C HIS A 128 1.51 -6.08 24.62
N ARG A 129 1.43 -5.41 23.45
CA ARG A 129 0.28 -4.61 23.01
C ARG A 129 0.07 -3.28 23.72
N ASP A 130 0.90 -2.89 24.68
CA ASP A 130 0.74 -1.60 25.34
C ASP A 130 2.07 -1.03 25.83
N ILE A 131 3.08 -1.02 24.95
CA ILE A 131 4.39 -0.49 25.30
C ILE A 131 4.33 1.02 25.39
N LYS A 132 4.68 1.54 26.57
CA LYS A 132 4.75 2.96 26.89
C LYS A 132 5.61 3.10 28.15
N PRO A 133 6.12 4.32 28.48
CA PRO A 133 7.02 4.45 29.63
C PRO A 133 6.48 3.98 30.97
N HIS A 134 5.16 4.04 31.20
CA HIS A 134 4.57 3.56 32.45
C HIS A 134 4.72 2.07 32.66
N ASN A 135 4.81 1.29 31.57
CA ASN A 135 4.99 -0.17 31.60
C ASN A 135 6.46 -0.63 31.52
N LEU A 136 7.40 0.30 31.49
CA LEU A 136 8.82 -0.01 31.40
C LEU A 136 9.50 0.39 32.69
N LEU A 137 9.69 -0.59 33.57
CA LEU A 137 10.26 -0.37 34.89
C LEU A 137 11.79 -0.55 34.93
N LEU A 138 12.44 0.00 35.96
CA LEU A 138 13.88 -0.07 36.11
C LEU A 138 14.24 -0.84 37.37
N ASP A 139 15.30 -1.66 37.34
CA ASP A 139 15.75 -2.37 38.55
C ASP A 139 16.82 -1.51 39.31
N GLU A 140 17.58 -2.10 40.25
CA GLU A 140 18.60 -1.40 41.06
C GLU A 140 19.78 -0.86 40.23
N ARG A 141 20.11 -1.56 39.13
CA ARG A 141 21.21 -1.17 38.25
C ARG A 141 20.74 -0.30 37.05
N ASP A 142 19.42 0.01 36.97
CA ASP A 142 18.76 0.74 35.89
C ASP A 142 18.55 -0.14 34.67
N ASN A 143 18.26 -1.41 34.89
CA ASN A 143 17.97 -2.33 33.80
C ASN A 143 16.48 -2.24 33.54
N LEU A 144 16.10 -2.10 32.28
CA LEU A 144 14.73 -1.96 31.86
C LEU A 144 14.03 -3.29 31.83
N LYS A 145 12.82 -3.34 32.39
CA LYS A 145 12.01 -4.54 32.42
C LYS A 145 10.61 -4.20 31.93
N ILE A 146 10.09 -4.98 30.99
CA ILE A 146 8.75 -4.78 30.47
C ILE A 146 7.76 -5.45 31.45
N ALA A 147 6.82 -4.64 31.97
CA ALA A 147 5.80 -5.01 32.97
C ALA A 147 4.37 -4.94 32.39
N ASP A 148 3.39 -5.59 33.09
CA ASP A 148 1.97 -5.58 32.78
C ASP A 148 1.58 -6.32 31.51
N TYR A 149 1.13 -7.57 31.67
CA TYR A 149 0.72 -8.42 30.55
C TYR A 149 -0.81 -8.62 30.49
N SER A 150 -1.58 -7.65 31.02
CA SER A 150 -3.04 -7.75 30.98
C SER A 150 -3.61 -7.60 29.57
N LEU A 151 -2.87 -6.94 28.65
CA LEU A 151 -3.30 -6.86 27.25
C LEU A 151 -2.47 -7.78 26.35
N ALA A 152 -1.45 -8.49 26.90
CA ALA A 152 -0.59 -9.35 26.10
C ALA A 152 -1.40 -10.51 25.49
N THR A 153 -1.17 -10.80 24.23
CA THR A 153 -1.83 -11.91 23.56
C THR A 153 -0.78 -12.79 22.83
N VAL A 154 -1.18 -14.02 22.48
CA VAL A 154 -0.31 -14.89 21.73
C VAL A 154 -0.55 -14.52 20.26
N PHE A 155 0.51 -14.23 19.50
CA PHE A 155 0.37 -13.96 18.06
C PHE A 155 1.01 -15.08 17.22
N ARG A 156 1.73 -16.03 17.85
CA ARG A 156 2.34 -17.13 17.11
C ARG A 156 2.27 -18.35 17.98
N TYR A 157 1.80 -19.46 17.37
CA TYR A 157 1.70 -20.75 18.04
C TYR A 157 1.97 -21.83 17.00
N ASN A 158 2.87 -22.80 17.31
CA ASN A 158 3.23 -23.88 16.38
C ASN A 158 3.75 -23.29 15.06
N ASN A 159 4.55 -22.20 15.15
CA ASN A 159 5.15 -21.53 14.00
C ASN A 159 4.14 -20.95 13.02
N ARG A 160 2.92 -20.74 13.49
CA ARG A 160 1.86 -20.19 12.70
C ARG A 160 1.39 -18.84 13.30
N GLU A 161 1.43 -17.78 12.47
CA GLU A 161 1.09 -16.43 12.91
C GLU A 161 -0.40 -16.16 12.89
N ARG A 162 -0.93 -15.64 13.98
CA ARG A 162 -2.33 -15.25 14.07
C ARG A 162 -2.42 -13.70 13.91
N LEU A 163 -3.30 -13.20 13.04
CA LEU A 163 -3.50 -11.77 12.87
C LEU A 163 -4.35 -11.26 14.03
N LEU A 164 -4.17 -9.99 14.41
CA LEU A 164 -4.97 -9.43 15.51
C LEU A 164 -6.12 -8.60 14.96
N ASN A 165 -7.17 -8.43 15.76
CA ASN A 165 -8.30 -7.58 15.37
C ASN A 165 -8.75 -6.65 16.52
N LYS A 166 -8.49 -7.07 17.77
CA LYS A 166 -8.85 -6.31 18.94
C LYS A 166 -8.05 -5.01 19.02
N MET A 167 -8.75 -3.87 19.18
CA MET A 167 -8.13 -2.57 19.33
C MET A 167 -7.84 -2.40 20.79
N CYS A 168 -6.58 -2.19 21.14
CA CYS A 168 -6.21 -1.94 22.52
C CYS A 168 -4.87 -1.18 22.61
N GLY A 169 -4.53 -0.73 23.80
CA GLY A 169 -3.34 0.07 24.00
C GLY A 169 -3.67 1.45 24.52
N THR A 170 -2.80 2.45 24.18
CA THR A 170 -2.90 3.85 24.60
C THR A 170 -2.77 4.68 23.34
N LEU A 171 -3.80 5.47 22.97
CA LEU A 171 -3.82 6.22 21.69
C LEU A 171 -2.49 6.90 21.25
N PRO A 172 -1.71 7.63 22.09
CA PRO A 172 -0.49 8.27 21.56
C PRO A 172 0.62 7.30 21.12
N TYR A 173 0.57 6.03 21.61
CA TYR A 173 1.48 4.94 21.36
C TYR A 173 1.02 3.93 20.33
N VAL A 174 -0.27 3.92 19.97
CA VAL A 174 -0.77 2.94 19.00
C VAL A 174 -0.38 3.28 17.57
N ALA A 175 -0.18 2.22 16.79
CA ALA A 175 0.20 2.32 15.39
C ALA A 175 -1.05 2.66 14.58
N PRO A 176 -0.91 3.40 13.46
CA PRO A 176 -2.11 3.76 12.67
C PRO A 176 -2.95 2.59 12.11
N GLU A 177 -2.36 1.41 11.84
CA GLU A 177 -3.13 0.26 11.33
C GLU A 177 -4.20 -0.29 12.31
N LEU A 178 -4.11 0.02 13.62
CA LEU A 178 -5.17 -0.41 14.55
C LEU A 178 -6.48 0.34 14.28
N LEU A 179 -6.38 1.61 13.89
CA LEU A 179 -7.56 2.45 13.65
C LEU A 179 -8.11 2.31 12.20
N LYS A 180 -7.31 1.78 11.28
CA LYS A 180 -7.70 1.73 9.88
C LYS A 180 -8.02 0.36 9.36
N ARG A 181 -7.44 -0.69 9.96
CA ARG A 181 -7.59 -2.04 9.44
C ARG A 181 -8.33 -2.98 10.36
N ARG A 182 -9.10 -3.89 9.76
CA ARG A 182 -9.90 -4.91 10.43
C ARG A 182 -8.99 -5.92 11.16
N GLU A 183 -7.91 -6.31 10.50
CA GLU A 183 -6.93 -7.25 11.01
C GLU A 183 -5.54 -6.77 10.66
N PHE A 184 -4.59 -7.00 11.57
CA PHE A 184 -3.24 -6.51 11.39
C PHE A 184 -2.18 -7.38 12.08
N HIS A 185 -0.91 -7.27 11.65
CA HIS A 185 0.17 -8.04 12.26
C HIS A 185 0.58 -7.44 13.61
N ALA A 186 0.92 -8.30 14.59
CA ALA A 186 1.29 -7.84 15.93
C ALA A 186 2.63 -7.12 16.05
N GLU A 187 3.73 -7.69 15.50
CA GLU A 187 5.09 -7.16 15.62
C GLU A 187 5.24 -5.70 15.19
N PRO A 188 4.83 -5.26 13.97
CA PRO A 188 4.93 -3.83 13.65
C PRO A 188 4.22 -2.88 14.64
N VAL A 189 3.09 -3.29 15.27
CA VAL A 189 2.38 -2.45 16.24
C VAL A 189 3.30 -2.20 17.48
N ASP A 190 3.99 -3.27 17.93
CA ASP A 190 4.92 -3.21 19.04
C ASP A 190 6.16 -2.36 18.67
N VAL A 191 6.63 -2.47 17.41
CA VAL A 191 7.73 -1.65 16.89
C VAL A 191 7.36 -0.16 16.92
N TRP A 192 6.16 0.18 16.44
CA TRP A 192 5.68 1.56 16.44
C TRP A 192 5.68 2.15 17.84
N SER A 193 5.17 1.40 18.85
CA SER A 193 5.12 1.96 20.21
C SER A 193 6.50 2.19 20.80
N CYS A 194 7.49 1.41 20.37
CA CYS A 194 8.88 1.59 20.78
C CYS A 194 9.45 2.88 20.21
N GLY A 195 9.05 3.24 19.00
CA GLY A 195 9.47 4.50 18.39
C GLY A 195 8.84 5.69 19.11
N ILE A 196 7.58 5.56 19.58
CA ILE A 196 6.97 6.66 20.35
C ILE A 196 7.72 6.80 21.70
N VAL A 197 8.10 5.67 22.32
CA VAL A 197 8.87 5.66 23.58
C VAL A 197 10.24 6.30 23.33
N LEU A 198 10.89 6.01 22.16
CA LEU A 198 12.15 6.66 21.82
C LEU A 198 11.96 8.16 21.67
N THR A 199 10.92 8.59 20.94
CA THR A 199 10.59 10.01 20.77
C THR A 199 10.39 10.70 22.13
N ALA A 200 9.79 9.99 23.08
CA ALA A 200 9.54 10.54 24.41
C ALA A 200 10.84 10.68 25.19
N MET A 201 11.72 9.66 25.14
CA MET A 201 13.00 9.72 25.84
C MET A 201 13.90 10.85 25.33
N LEU A 202 13.84 11.14 24.03
CA LEU A 202 14.72 12.13 23.40
C LEU A 202 14.16 13.55 23.36
N ALA A 203 12.85 13.73 23.60
CA ALA A 203 12.25 15.06 23.54
C ALA A 203 11.30 15.41 24.69
N GLY A 204 11.07 14.45 25.60
CA GLY A 204 10.19 14.59 26.77
C GLY A 204 8.81 15.03 26.39
N GLU A 205 8.34 14.62 25.20
CA GLU A 205 7.12 15.08 24.61
C GLU A 205 6.62 14.07 23.57
N LEU A 206 5.31 13.87 23.52
CA LEU A 206 4.66 12.97 22.58
C LEU A 206 4.32 13.71 21.30
N PRO A 207 4.55 13.08 20.14
CA PRO A 207 4.33 13.77 18.87
C PRO A 207 2.87 14.12 18.52
N TRP A 208 1.91 13.27 18.90
CA TRP A 208 0.51 13.46 18.54
C TRP A 208 -0.44 12.74 19.52
N ASP A 209 -1.71 13.17 19.55
CA ASP A 209 -2.74 12.55 20.38
C ASP A 209 -3.07 11.14 19.88
N GLN A 210 -3.03 10.93 18.57
CA GLN A 210 -3.31 9.67 17.91
C GLN A 210 -2.84 9.78 16.44
N PRO A 211 -2.41 8.64 15.84
CA PRO A 211 -1.89 8.70 14.46
C PRO A 211 -3.01 8.61 13.41
N SER A 212 -3.81 9.66 13.30
CA SER A 212 -4.93 9.64 12.36
C SER A 212 -4.90 10.79 11.35
N ASP A 213 -5.59 10.62 10.21
CA ASP A 213 -5.66 11.67 9.17
C ASP A 213 -6.38 12.95 9.65
N SER A 214 -7.12 12.89 10.78
CA SER A 214 -7.76 14.04 11.37
C SER A 214 -6.81 14.84 12.31
N CYS A 215 -5.67 14.26 12.68
CA CYS A 215 -4.74 14.86 13.64
C CYS A 215 -3.56 15.58 12.94
N GLN A 216 -3.53 16.93 13.04
CA GLN A 216 -2.57 17.85 12.42
C GLN A 216 -1.11 17.52 12.65
N GLU A 217 -0.74 17.16 13.88
CA GLU A 217 0.65 16.83 14.20
C GLU A 217 1.11 15.55 13.48
N TYR A 218 0.19 14.61 13.25
CA TYR A 218 0.50 13.41 12.52
C TYR A 218 0.60 13.75 11.01
N SER A 219 -0.30 14.63 10.51
CA SER A 219 -0.24 15.09 9.12
C SER A 219 1.07 15.80 8.83
N ASP A 220 1.58 16.57 9.80
CA ASP A 220 2.82 17.33 9.67
C ASP A 220 4.03 16.41 9.52
N TRP A 221 4.04 15.33 10.29
CA TRP A 221 5.10 14.31 10.25
C TRP A 221 5.15 13.64 8.87
N LYS A 222 3.96 13.28 8.31
CA LYS A 222 3.87 12.64 7.00
C LYS A 222 4.27 13.62 5.88
N GLU A 223 4.00 14.92 6.06
CA GLU A 223 4.44 15.97 5.13
C GLU A 223 5.92 16.35 5.32
N LYS A 224 6.66 15.57 6.14
CA LYS A 224 8.09 15.66 6.47
C LYS A 224 8.50 16.99 7.13
N LYS A 225 7.60 17.61 7.90
CA LYS A 225 7.91 18.88 8.56
C LYS A 225 8.69 18.70 9.86
N THR A 226 9.91 18.15 9.76
CA THR A 226 10.73 17.91 10.95
C THR A 226 11.33 19.18 11.56
N TYR A 227 11.06 20.36 10.95
CA TYR A 227 11.47 21.62 11.50
C TYR A 227 10.59 22.03 12.72
N LEU A 228 9.54 21.22 13.06
CA LEU A 228 8.59 21.41 14.16
C LEU A 228 8.87 20.47 15.37
N ASN A 229 8.32 20.80 16.55
CA ASN A 229 8.47 19.98 17.76
C ASN A 229 7.59 18.70 17.68
N PRO A 230 8.02 17.57 18.27
CA PRO A 230 9.28 17.38 19.06
C PRO A 230 10.53 17.09 18.25
N TRP A 231 10.37 16.96 16.92
CA TRP A 231 11.42 16.50 16.02
C TRP A 231 12.63 17.40 15.97
N LYS A 232 12.43 18.72 16.14
CA LYS A 232 13.56 19.65 16.10
C LYS A 232 14.47 19.54 17.35
N LYS A 233 14.00 18.93 18.44
CA LYS A 233 14.84 18.68 19.63
C LYS A 233 15.68 17.38 19.48
N ILE A 234 15.53 16.65 18.37
CA ILE A 234 16.13 15.36 18.17
C ILE A 234 17.27 15.41 17.14
N ASP A 235 18.41 14.84 17.49
CA ASP A 235 19.58 14.82 16.61
C ASP A 235 19.26 14.03 15.32
N SER A 236 19.96 14.34 14.24
CA SER A 236 19.72 13.78 12.92
C SER A 236 19.89 12.29 12.87
N ALA A 237 20.82 11.73 13.69
CA ALA A 237 21.06 10.28 13.74
C ALA A 237 19.84 9.54 14.33
N PRO A 238 19.40 9.78 15.59
CA PRO A 238 18.16 9.10 16.08
C PRO A 238 16.90 9.40 15.26
N LEU A 239 16.85 10.63 14.67
CA LEU A 239 15.70 11.03 13.87
C LEU A 239 15.61 10.22 12.57
N ALA A 240 16.75 9.82 12.00
CA ALA A 240 16.81 8.97 10.79
C ALA A 240 16.17 7.60 11.09
N LEU A 241 16.40 7.05 12.32
CA LEU A 241 15.84 5.80 12.82
C LEU A 241 14.33 5.99 13.00
N LEU A 242 13.92 7.10 13.60
CA LEU A 242 12.52 7.41 13.80
C LEU A 242 11.77 7.51 12.47
N HIS A 243 12.45 7.99 11.40
CA HIS A 243 11.82 8.05 10.07
C HIS A 243 11.54 6.64 9.54
N LYS A 244 12.31 5.61 9.97
CA LYS A 244 12.10 4.21 9.58
C LYS A 244 11.09 3.49 10.46
N ILE A 245 11.04 3.81 11.79
CA ILE A 245 10.08 3.17 12.72
C ILE A 245 8.68 3.74 12.53
N LEU A 246 8.56 5.09 12.46
CA LEU A 246 7.24 5.71 12.36
C LEU A 246 6.71 5.91 10.92
N VAL A 247 6.66 4.82 10.16
CA VAL A 247 6.15 4.72 8.79
C VAL A 247 4.71 4.16 8.88
N GLU A 248 3.74 4.81 8.25
CA GLU A 248 2.33 4.44 8.33
C GLU A 248 2.01 3.03 7.83
N ASN A 249 2.44 2.68 6.63
CA ASN A 249 2.20 1.35 6.07
C ASN A 249 3.05 0.35 6.88
N PRO A 250 2.43 -0.56 7.65
CA PRO A 250 3.21 -1.49 8.48
C PRO A 250 4.09 -2.49 7.72
N SER A 251 3.85 -2.68 6.42
CA SER A 251 4.67 -3.58 5.61
C SER A 251 5.99 -2.90 5.16
N ALA A 252 6.03 -1.55 5.18
CA ALA A 252 7.22 -0.78 4.84
C ALA A 252 8.00 -0.31 6.09
N ARG A 253 7.43 -0.50 7.30
CA ARG A 253 8.06 -0.13 8.57
C ARG A 253 9.29 -1.04 8.83
N ILE A 254 10.30 -0.48 9.50
CA ILE A 254 11.50 -1.23 9.82
C ILE A 254 11.18 -2.36 10.78
N THR A 255 11.87 -3.51 10.62
CA THR A 255 11.71 -4.64 11.53
C THR A 255 12.78 -4.53 12.64
N ILE A 256 12.65 -5.25 13.77
CA ILE A 256 13.70 -5.24 14.80
C ILE A 256 15.06 -5.72 14.24
N PRO A 257 15.18 -6.84 13.47
CA PRO A 257 16.53 -7.20 12.93
C PRO A 257 17.20 -6.05 12.18
N ASP A 258 16.41 -5.20 11.50
CA ASP A 258 16.97 -4.07 10.75
C ASP A 258 17.20 -2.83 11.61
N ILE A 259 16.47 -2.68 12.73
CA ILE A 259 16.73 -1.63 13.72
C ILE A 259 18.14 -1.91 14.30
N LYS A 260 18.49 -3.22 14.50
CA LYS A 260 19.80 -3.67 15.01
C LYS A 260 20.98 -3.32 14.09
N LYS A 261 20.71 -2.94 12.83
CA LYS A 261 21.68 -2.49 11.83
C LYS A 261 21.69 -0.96 11.65
N ASP A 262 20.80 -0.22 12.33
CA ASP A 262 20.74 1.26 12.24
C ASP A 262 21.99 1.95 12.77
N ARG A 263 22.37 3.07 12.16
CA ARG A 263 23.54 3.89 12.54
C ARG A 263 23.50 4.42 13.98
N TRP A 264 22.37 5.02 14.42
CA TRP A 264 22.29 5.53 15.78
C TRP A 264 22.26 4.37 16.79
N TYR A 265 21.52 3.30 16.49
CA TYR A 265 21.44 2.12 17.35
C TYR A 265 22.86 1.55 17.65
N ASN A 266 23.76 1.63 16.66
CA ASN A 266 25.13 1.16 16.80
C ASN A 266 26.17 2.29 17.05
N LYS A 267 25.72 3.50 17.28
CA LYS A 267 26.62 4.65 17.49
C LYS A 267 27.19 4.62 18.89
N PRO A 268 28.51 4.59 19.05
CA PRO A 268 29.08 4.63 20.42
C PRO A 268 28.76 5.99 21.08
N LEU A 269 28.24 5.94 22.32
CA LEU A 269 27.83 7.09 23.13
C LEU A 269 28.25 6.88 24.58
N LYS A 270 28.39 7.98 25.31
CA LYS A 270 28.72 8.08 26.74
C LYS A 270 28.81 9.59 27.05
N LYS A 271 28.40 9.99 28.29
CA LYS A 271 28.38 11.38 28.77
C LYS A 271 27.47 12.33 27.96
N PRO B 4 -15.24 -2.41 2.23
CA PRO B 4 -15.58 -3.42 1.23
C PRO B 4 -14.47 -4.47 1.07
N PHE B 5 -14.87 -5.73 0.86
CA PHE B 5 -13.90 -6.82 0.71
C PHE B 5 -14.43 -7.97 -0.13
N VAL B 6 -13.51 -8.73 -0.73
CA VAL B 6 -13.84 -9.91 -1.54
C VAL B 6 -12.90 -11.04 -1.12
N GLU B 7 -13.37 -11.97 -0.27
CA GLU B 7 -12.59 -13.11 0.22
C GLU B 7 -11.42 -12.69 1.14
N ASP B 8 -10.25 -12.32 0.59
CA ASP B 8 -9.07 -11.93 1.36
C ASP B 8 -8.42 -10.63 0.87
N TRP B 9 -9.18 -9.79 0.13
CA TRP B 9 -8.70 -8.51 -0.41
C TRP B 9 -9.53 -7.37 0.15
N ASP B 10 -8.90 -6.22 0.44
CA ASP B 10 -9.61 -5.04 0.93
C ASP B 10 -9.70 -3.98 -0.20
N LEU B 11 -10.94 -3.63 -0.60
CA LEU B 11 -11.22 -2.68 -1.69
C LEU B 11 -11.21 -1.23 -1.18
N VAL B 12 -10.16 -0.46 -1.53
CA VAL B 12 -10.03 0.90 -1.02
C VAL B 12 -10.20 2.01 -2.13
N GLN B 13 -9.17 2.33 -2.93
CA GLN B 13 -9.23 3.40 -3.93
C GLN B 13 -10.01 3.03 -5.19
N THR B 14 -10.53 4.03 -5.91
CA THR B 14 -11.22 3.87 -7.19
C THR B 14 -10.22 4.31 -8.27
N LEU B 15 -9.95 3.42 -9.24
CA LEU B 15 -9.01 3.69 -10.32
C LEU B 15 -9.81 3.84 -11.62
N GLY B 16 -10.76 4.77 -11.63
CA GLY B 16 -11.60 4.99 -12.80
C GLY B 16 -12.76 4.03 -12.89
N GLU B 17 -13.72 4.33 -13.76
CA GLU B 17 -14.90 3.49 -13.92
C GLU B 17 -15.50 3.64 -15.32
N GLY B 18 -16.30 2.67 -15.72
CA GLY B 18 -16.93 2.68 -17.02
C GLY B 18 -18.39 2.27 -17.01
N ALA B 19 -18.92 1.92 -18.18
CA ALA B 19 -20.30 1.49 -18.38
C ALA B 19 -20.66 0.26 -17.57
N TYR B 20 -19.71 -0.66 -17.35
CA TYR B 20 -19.97 -1.87 -16.60
C TYR B 20 -20.05 -1.62 -15.09
N GLY B 21 -19.26 -0.67 -14.60
CA GLY B 21 -19.26 -0.33 -13.19
C GLY B 21 -18.08 0.48 -12.73
N GLU B 22 -17.11 -0.19 -12.11
CA GLU B 22 -15.93 0.49 -11.56
C GLU B 22 -14.73 -0.46 -11.43
N VAL B 23 -13.52 0.11 -11.38
CA VAL B 23 -12.28 -0.61 -11.16
C VAL B 23 -11.73 -0.08 -9.84
N GLN B 24 -11.40 -0.98 -8.90
CA GLN B 24 -10.93 -0.62 -7.55
C GLN B 24 -9.54 -1.19 -7.23
N LEU B 25 -8.93 -0.71 -6.13
CA LEU B 25 -7.63 -1.19 -5.67
C LEU B 25 -7.89 -2.28 -4.63
N ALA B 26 -7.24 -3.44 -4.75
CA ALA B 26 -7.44 -4.54 -3.79
C ALA B 26 -6.13 -4.92 -3.10
N VAL B 27 -6.08 -4.78 -1.77
CA VAL B 27 -4.86 -5.13 -1.02
C VAL B 27 -5.08 -6.35 -0.12
N ASN B 28 -4.24 -7.40 -0.28
CA ASN B 28 -4.32 -8.59 0.57
C ASN B 28 -3.88 -8.17 1.99
N ARG B 29 -4.66 -8.54 3.02
CA ARG B 29 -4.37 -8.13 4.40
C ARG B 29 -3.11 -8.77 5.04
N VAL B 30 -2.61 -9.88 4.46
CA VAL B 30 -1.42 -10.53 4.99
C VAL B 30 -0.20 -10.34 4.09
N THR B 31 -0.35 -10.63 2.78
CA THR B 31 0.75 -10.54 1.79
C THR B 31 1.02 -9.09 1.36
N GLU B 32 0.01 -8.19 1.45
CA GLU B 32 0.11 -6.77 1.09
C GLU B 32 0.21 -6.48 -0.42
N GLU B 33 -0.15 -7.47 -1.26
CA GLU B 33 -0.12 -7.36 -2.72
C GLU B 33 -1.27 -6.47 -3.23
N ALA B 34 -0.99 -5.61 -4.22
CA ALA B 34 -2.01 -4.72 -4.76
C ALA B 34 -2.38 -5.04 -6.22
N VAL B 35 -3.65 -5.40 -6.46
CA VAL B 35 -4.17 -5.68 -7.78
C VAL B 35 -5.39 -4.80 -8.08
N ALA B 36 -5.75 -4.63 -9.35
CA ALA B 36 -6.91 -3.83 -9.72
C ALA B 36 -8.09 -4.77 -10.00
N VAL B 37 -9.27 -4.47 -9.45
CA VAL B 37 -10.43 -5.35 -9.61
C VAL B 37 -11.59 -4.65 -10.28
N LYS B 38 -12.12 -5.25 -11.34
CA LYS B 38 -13.28 -4.72 -12.04
C LYS B 38 -14.52 -5.30 -11.35
N ILE B 39 -15.36 -4.43 -10.78
CA ILE B 39 -16.57 -4.87 -10.08
C ILE B 39 -17.80 -4.66 -10.97
N VAL B 40 -18.31 -5.75 -11.55
CA VAL B 40 -19.46 -5.65 -12.44
C VAL B 40 -20.75 -6.13 -11.77
N ASP B 41 -21.80 -5.29 -11.80
CA ASP B 41 -23.09 -5.65 -11.24
C ASP B 41 -23.85 -6.45 -12.32
N MET B 42 -24.33 -7.66 -11.95
CA MET B 42 -25.08 -8.59 -12.80
C MET B 42 -24.19 -9.38 -13.76
N PRO B 49 -23.59 -9.64 -19.00
CA PRO B 49 -24.13 -10.98 -18.74
C PRO B 49 -23.54 -12.00 -19.73
N GLU B 50 -24.01 -12.05 -20.99
CA GLU B 50 -23.43 -12.91 -22.02
C GLU B 50 -22.07 -12.31 -22.48
N ASN B 51 -21.95 -10.96 -22.43
CA ASN B 51 -20.77 -10.18 -22.76
C ASN B 51 -19.66 -10.35 -21.70
N ILE B 52 -20.02 -10.65 -20.44
CA ILE B 52 -19.00 -10.88 -19.40
C ILE B 52 -18.44 -12.32 -19.53
N LYS B 53 -19.19 -13.25 -20.15
CA LYS B 53 -18.72 -14.61 -20.43
C LYS B 53 -17.65 -14.54 -21.54
N LYS B 54 -17.89 -13.70 -22.56
CA LYS B 54 -16.98 -13.44 -23.68
C LYS B 54 -15.72 -12.66 -23.24
N GLU B 55 -15.85 -11.80 -22.22
CA GLU B 55 -14.73 -11.02 -21.72
C GLU B 55 -13.76 -11.92 -20.98
N ILE B 56 -14.28 -12.85 -20.15
CA ILE B 56 -13.44 -13.79 -19.42
C ILE B 56 -12.74 -14.72 -20.42
N CYS B 57 -13.47 -15.18 -21.46
CA CYS B 57 -12.98 -15.99 -22.58
C CYS B 57 -11.71 -15.36 -23.19
N ILE B 58 -11.74 -14.04 -23.46
CA ILE B 58 -10.63 -13.29 -24.07
C ILE B 58 -9.49 -13.02 -23.08
N LEU B 59 -9.81 -12.59 -21.84
CA LEU B 59 -8.81 -12.29 -20.81
C LEU B 59 -7.89 -13.46 -20.51
N LYS B 60 -8.41 -14.69 -20.59
CA LYS B 60 -7.60 -15.88 -20.33
C LYS B 60 -6.62 -16.20 -21.49
N MET B 61 -6.89 -15.70 -22.70
CA MET B 61 -6.01 -15.87 -23.87
C MET B 61 -4.75 -15.01 -23.79
N LEU B 62 -4.84 -13.87 -23.10
CA LEU B 62 -3.79 -12.85 -23.02
C LEU B 62 -2.54 -13.23 -22.24
N ASN B 63 -1.37 -13.07 -22.87
CA ASN B 63 -0.06 -13.30 -22.26
C ASN B 63 1.06 -12.52 -22.96
N HIS B 64 1.15 -11.20 -22.68
CA HIS B 64 2.17 -10.33 -23.28
C HIS B 64 2.62 -9.20 -22.33
N GLU B 65 3.85 -8.74 -22.52
CA GLU B 65 4.49 -7.69 -21.74
C GLU B 65 3.78 -6.32 -21.87
N ASN B 66 3.04 -6.11 -22.97
CA ASN B 66 2.29 -4.87 -23.22
C ASN B 66 0.77 -5.02 -23.11
N VAL B 67 0.30 -6.03 -22.39
CA VAL B 67 -1.13 -6.27 -22.19
C VAL B 67 -1.35 -6.46 -20.67
N ILE B 68 -2.41 -5.83 -20.08
CA ILE B 68 -2.68 -5.98 -18.65
C ILE B 68 -2.90 -7.47 -18.28
N LYS B 69 -2.15 -7.97 -17.27
CA LYS B 69 -2.21 -9.36 -16.80
C LYS B 69 -3.54 -9.73 -16.15
N PHE B 70 -4.17 -10.83 -16.60
CA PHE B 70 -5.41 -11.30 -16.00
C PHE B 70 -5.06 -12.33 -14.89
N TYR B 71 -5.70 -12.21 -13.73
CA TYR B 71 -5.43 -13.09 -12.58
C TYR B 71 -6.52 -14.13 -12.29
N GLY B 72 -7.77 -13.73 -12.28
CA GLY B 72 -8.87 -14.65 -12.02
C GLY B 72 -10.22 -13.98 -11.83
N HIS B 73 -11.28 -14.78 -11.68
CA HIS B 73 -12.63 -14.24 -11.50
C HIS B 73 -13.45 -14.97 -10.44
N ARG B 74 -14.11 -14.21 -9.55
CA ARG B 74 -14.95 -14.72 -8.47
C ARG B 74 -16.33 -14.05 -8.58
N ARG B 75 -17.44 -14.81 -8.49
CA ARG B 75 -18.78 -14.23 -8.58
C ARG B 75 -19.59 -14.28 -7.28
N GLU B 76 -19.33 -13.35 -6.33
CA GLU B 76 -20.06 -13.29 -5.06
C GLU B 76 -21.50 -12.79 -5.24
N GLY B 77 -22.40 -13.71 -5.54
CA GLY B 77 -23.80 -13.41 -5.76
C GLY B 77 -24.07 -12.91 -7.17
N ASN B 78 -24.64 -11.70 -7.28
CA ASN B 78 -24.93 -11.07 -8.56
C ASN B 78 -23.92 -9.96 -8.85
N ILE B 79 -22.64 -10.16 -8.45
CA ILE B 79 -21.55 -9.20 -8.63
C ILE B 79 -20.28 -9.96 -9.04
N GLN B 80 -19.84 -9.83 -10.30
CA GLN B 80 -18.61 -10.50 -10.74
C GLN B 80 -17.39 -9.62 -10.46
N TYR B 81 -16.28 -10.24 -10.03
CA TYR B 81 -15.04 -9.54 -9.73
C TYR B 81 -13.93 -10.01 -10.68
N LEU B 82 -13.42 -9.12 -11.54
CA LEU B 82 -12.34 -9.45 -12.47
C LEU B 82 -11.00 -8.98 -11.93
N PHE B 83 -10.11 -9.91 -11.58
CA PHE B 83 -8.80 -9.59 -11.01
C PHE B 83 -7.78 -9.35 -12.09
N MET B 84 -7.24 -8.13 -12.15
CA MET B 84 -6.25 -7.72 -13.14
C MET B 84 -5.04 -7.08 -12.46
N GLU B 85 -3.95 -6.97 -13.20
CA GLU B 85 -2.70 -6.37 -12.79
C GLU B 85 -2.92 -4.89 -12.43
N LEU B 86 -2.22 -4.39 -11.40
CA LEU B 86 -2.29 -2.97 -11.09
C LEU B 86 -1.21 -2.27 -11.89
N ALA B 87 -1.59 -1.33 -12.75
CA ALA B 87 -0.62 -0.60 -13.56
C ALA B 87 -0.28 0.64 -12.76
N SER B 88 0.72 0.56 -11.86
CA SER B 88 1.09 1.62 -10.92
C SER B 88 1.40 3.00 -11.51
N GLY B 89 1.65 3.05 -12.81
CA GLY B 89 1.97 4.31 -13.47
C GLY B 89 0.80 5.15 -13.91
N GLY B 90 -0.41 4.61 -13.79
CA GLY B 90 -1.62 5.32 -14.18
C GLY B 90 -1.91 5.14 -15.65
N SER B 91 -2.49 6.16 -16.26
CA SER B 91 -2.84 6.12 -17.68
C SER B 91 -1.92 7.00 -18.52
N LEU B 92 -1.85 6.70 -19.83
CA LEU B 92 -1.11 7.50 -20.80
C LEU B 92 -1.80 8.89 -20.97
N PHE B 93 -3.12 8.96 -20.81
CA PHE B 93 -3.92 10.19 -20.88
C PHE B 93 -3.35 11.26 -19.92
N ASP B 94 -2.90 10.84 -18.72
CA ASP B 94 -2.33 11.76 -17.73
C ASP B 94 -0.89 12.22 -18.07
N ARG B 95 -0.18 11.49 -18.95
CA ARG B 95 1.15 11.90 -19.42
C ARG B 95 1.09 12.85 -20.63
N ILE B 96 -0.12 13.24 -21.09
CA ILE B 96 -0.29 14.12 -22.23
C ILE B 96 -0.65 15.53 -21.72
N GLU B 97 0.22 16.51 -22.00
CA GLU B 97 -0.04 17.88 -21.61
C GLU B 97 -1.03 18.45 -22.61
N PRO B 98 -2.21 18.95 -22.18
CA PRO B 98 -3.16 19.51 -23.14
C PRO B 98 -2.55 20.66 -23.96
N ASP B 99 -2.71 20.54 -25.28
CA ASP B 99 -2.21 21.46 -26.29
C ASP B 99 -0.69 21.40 -26.50
N ILE B 100 0.02 20.51 -25.80
CA ILE B 100 1.47 20.38 -25.94
C ILE B 100 1.82 18.95 -26.39
N GLY B 101 1.31 17.96 -25.68
CA GLY B 101 1.58 16.56 -25.93
C GLY B 101 2.64 16.07 -24.97
N MET B 102 3.72 15.52 -25.52
CA MET B 102 4.86 15.09 -24.73
C MET B 102 6.10 15.14 -25.63
N PRO B 103 7.33 15.01 -25.07
CA PRO B 103 8.52 14.96 -25.93
C PRO B 103 8.43 13.84 -26.96
N GLU B 104 8.89 14.12 -28.19
CA GLU B 104 8.93 13.19 -29.32
C GLU B 104 9.53 11.83 -28.95
N PRO B 105 10.67 11.76 -28.20
CA PRO B 105 11.21 10.43 -27.87
C PRO B 105 10.32 9.63 -26.90
N ASP B 106 9.48 10.29 -26.08
CA ASP B 106 8.57 9.56 -25.19
C ASP B 106 7.39 9.00 -26.02
N ALA B 107 6.89 9.81 -26.96
CA ALA B 107 5.82 9.41 -27.84
C ALA B 107 6.25 8.22 -28.72
N GLN B 108 7.51 8.23 -29.19
CA GLN B 108 8.04 7.15 -30.02
C GLN B 108 8.13 5.85 -29.23
N ARG B 109 8.64 5.93 -27.99
CA ARG B 109 8.77 4.77 -27.14
C ARG B 109 7.41 4.17 -26.82
N PHE B 110 6.42 5.01 -26.40
CA PHE B 110 5.04 4.59 -26.14
C PHE B 110 4.38 3.97 -27.39
N PHE B 111 4.64 4.56 -28.57
CA PHE B 111 4.10 4.04 -29.82
C PHE B 111 4.73 2.67 -30.20
N HIS B 112 6.03 2.45 -29.91
CA HIS B 112 6.68 1.16 -30.17
C HIS B 112 6.01 0.08 -29.31
N GLN B 113 5.71 0.40 -28.04
CA GLN B 113 5.08 -0.55 -27.14
C GLN B 113 3.64 -0.83 -27.51
N LEU B 114 2.93 0.20 -28.00
CA LEU B 114 1.57 0.10 -28.49
C LEU B 114 1.53 -0.78 -29.72
N MET B 115 2.53 -0.69 -30.60
CA MET B 115 2.60 -1.53 -31.79
C MET B 115 2.84 -2.99 -31.42
N ALA B 116 3.74 -3.23 -30.45
CA ALA B 116 4.02 -4.58 -29.97
C ALA B 116 2.78 -5.21 -29.28
N GLY B 117 2.04 -4.39 -28.55
CA GLY B 117 0.80 -4.80 -27.91
C GLY B 117 -0.29 -5.17 -28.92
N VAL B 118 -0.51 -4.32 -29.93
CA VAL B 118 -1.51 -4.54 -30.99
C VAL B 118 -1.13 -5.73 -31.88
N VAL B 119 0.19 -5.91 -32.22
CA VAL B 119 0.68 -7.05 -33.02
C VAL B 119 0.38 -8.33 -32.27
N TYR B 120 0.60 -8.34 -30.94
CA TYR B 120 0.30 -9.51 -30.12
C TYR B 120 -1.19 -9.90 -30.22
N LEU B 121 -2.08 -8.92 -29.93
CA LEU B 121 -3.53 -9.11 -29.95
C LEU B 121 -3.99 -9.59 -31.32
N HIS B 122 -3.50 -8.95 -32.40
CA HIS B 122 -3.87 -9.35 -33.77
C HIS B 122 -3.32 -10.74 -34.14
N GLY B 123 -2.21 -11.13 -33.56
CA GLY B 123 -1.62 -12.44 -33.80
C GLY B 123 -2.50 -13.53 -33.22
N ILE B 124 -3.09 -13.28 -32.03
CA ILE B 124 -4.00 -14.24 -31.43
C ILE B 124 -5.45 -14.04 -31.87
N GLY B 125 -5.68 -13.30 -32.95
CA GLY B 125 -7.00 -13.05 -33.54
C GLY B 125 -7.96 -12.25 -32.68
N ILE B 126 -7.45 -11.41 -31.79
CA ILE B 126 -8.26 -10.57 -30.92
C ILE B 126 -8.13 -9.08 -31.31
N THR B 127 -9.25 -8.36 -31.44
CA THR B 127 -9.21 -6.90 -31.66
C THR B 127 -9.69 -6.22 -30.38
N HIS B 128 -9.05 -5.10 -29.96
CA HIS B 128 -9.43 -4.35 -28.74
C HIS B 128 -10.73 -3.54 -28.95
N ARG B 129 -10.83 -2.82 -30.10
CA ARG B 129 -11.97 -2.06 -30.57
C ARG B 129 -12.17 -0.67 -29.94
N ASP B 130 -11.37 -0.27 -28.96
CA ASP B 130 -11.53 1.08 -28.36
C ASP B 130 -10.19 1.59 -27.85
N ILE B 131 -9.14 1.54 -28.69
CA ILE B 131 -7.82 2.02 -28.28
C ILE B 131 -7.89 3.54 -28.13
N LYS B 132 -7.45 4.03 -26.97
CA LYS B 132 -7.41 5.45 -26.62
C LYS B 132 -6.50 5.60 -25.38
N PRO B 133 -5.98 6.82 -25.06
CA PRO B 133 -5.03 6.93 -23.94
C PRO B 133 -5.57 6.47 -22.58
N HIS B 134 -6.88 6.47 -22.40
CA HIS B 134 -7.51 5.98 -21.16
C HIS B 134 -7.39 4.47 -21.02
N ASN B 135 -7.30 3.76 -22.15
CA ASN B 135 -7.13 2.30 -22.13
C ASN B 135 -5.67 1.88 -22.25
N LEU B 136 -4.71 2.82 -22.27
CA LEU B 136 -3.30 2.48 -22.37
C LEU B 136 -2.68 2.84 -21.05
N LEU B 137 -2.46 1.84 -20.18
CA LEU B 137 -1.92 2.12 -18.84
C LEU B 137 -0.38 1.92 -18.75
N LEU B 138 0.24 2.39 -17.67
CA LEU B 138 1.71 2.28 -17.51
C LEU B 138 2.13 1.50 -16.26
N ASP B 139 3.25 0.76 -16.31
CA ASP B 139 3.75 0.07 -15.10
C ASP B 139 4.75 1.00 -14.30
N GLU B 140 5.52 0.47 -13.33
CA GLU B 140 6.46 1.31 -12.56
C GLU B 140 7.73 1.70 -13.36
N ARG B 141 8.02 0.97 -14.46
CA ARG B 141 9.15 1.26 -15.35
C ARG B 141 8.72 2.09 -16.57
N ASP B 142 7.42 2.48 -16.67
CA ASP B 142 6.80 3.25 -17.75
C ASP B 142 6.53 2.45 -19.00
N ASN B 143 6.22 1.17 -18.83
CA ASN B 143 5.88 0.30 -19.96
C ASN B 143 4.38 0.34 -20.20
N LEU B 144 4.00 0.47 -21.46
CA LEU B 144 2.61 0.58 -21.87
C LEU B 144 1.92 -0.78 -21.81
N LYS B 145 0.68 -0.80 -21.35
CA LYS B 145 -0.13 -1.99 -21.23
C LYS B 145 -1.56 -1.71 -21.67
N ILE B 146 -2.02 -2.37 -22.73
CA ILE B 146 -3.38 -2.19 -23.22
C ILE B 146 -4.37 -2.85 -22.24
N ALA B 147 -5.29 -2.06 -21.69
CA ALA B 147 -6.26 -2.47 -20.67
C ALA B 147 -7.73 -2.39 -21.18
N ASP B 148 -8.69 -2.95 -20.41
CA ASP B 148 -10.14 -2.95 -20.68
C ASP B 148 -10.54 -3.66 -21.96
N TYR B 149 -10.95 -4.93 -21.83
CA TYR B 149 -11.36 -5.77 -22.95
C TYR B 149 -12.88 -5.97 -23.02
N SER B 150 -13.66 -4.99 -22.48
CA SER B 150 -15.11 -5.06 -22.51
C SER B 150 -15.68 -5.00 -23.94
N LEU B 151 -14.97 -4.35 -24.85
CA LEU B 151 -15.42 -4.25 -26.24
C LEU B 151 -14.64 -5.16 -27.19
N ALA B 152 -13.72 -6.00 -26.66
CA ALA B 152 -12.88 -6.89 -27.46
C ALA B 152 -13.69 -8.02 -28.07
N THR B 153 -13.27 -8.47 -29.25
CA THR B 153 -13.96 -9.56 -29.95
C THR B 153 -12.98 -10.35 -30.82
N VAL B 154 -13.36 -11.57 -31.20
CA VAL B 154 -12.55 -12.41 -32.07
C VAL B 154 -12.76 -11.95 -33.50
N PHE B 155 -11.67 -11.63 -34.19
CA PHE B 155 -11.75 -11.31 -35.62
C PHE B 155 -11.13 -12.47 -36.44
N ARG B 156 -10.39 -13.41 -35.82
CA ARG B 156 -9.81 -14.53 -36.51
C ARG B 156 -9.91 -15.79 -35.65
N TYR B 157 -10.44 -16.87 -36.24
CA TYR B 157 -10.55 -18.15 -35.58
C TYR B 157 -10.32 -19.23 -36.60
N ASN B 158 -9.43 -20.20 -36.28
CA ASN B 158 -9.10 -21.30 -37.20
C ASN B 158 -8.50 -20.77 -38.50
N ASN B 159 -7.65 -19.73 -38.40
CA ASN B 159 -7.00 -19.08 -39.54
C ASN B 159 -7.99 -18.42 -40.54
N ARG B 160 -9.22 -18.18 -40.09
CA ARG B 160 -10.27 -17.60 -40.90
C ARG B 160 -10.76 -16.28 -40.30
N GLU B 161 -10.80 -15.23 -41.14
CA GLU B 161 -11.16 -13.89 -40.73
C GLU B 161 -12.65 -13.59 -40.83
N ARG B 162 -13.20 -13.00 -39.78
CA ARG B 162 -14.58 -12.54 -39.75
C ARG B 162 -14.60 -11.03 -39.86
N LEU B 163 -15.64 -10.49 -40.46
CA LEU B 163 -15.81 -9.05 -40.53
C LEU B 163 -16.64 -8.57 -39.35
N LEU B 164 -16.35 -7.38 -38.87
CA LEU B 164 -17.12 -6.80 -37.79
C LEU B 164 -18.33 -6.09 -38.40
N ASN B 165 -19.42 -5.96 -37.65
CA ASN B 165 -20.58 -5.20 -38.12
C ASN B 165 -21.13 -4.26 -37.03
N LYS B 166 -20.84 -4.53 -35.76
CA LYS B 166 -21.29 -3.69 -34.67
C LYS B 166 -20.38 -2.46 -34.56
N MET B 167 -21.00 -1.30 -34.29
CA MET B 167 -20.29 -0.05 -34.14
C MET B 167 -20.07 0.24 -32.66
N CYS B 168 -18.82 0.21 -32.24
CA CYS B 168 -18.47 0.60 -30.87
C CYS B 168 -17.19 1.48 -30.88
N GLY B 169 -16.75 1.92 -29.72
CA GLY B 169 -15.58 2.78 -29.63
C GLY B 169 -15.93 4.17 -29.17
N THR B 170 -15.02 5.11 -29.44
CA THR B 170 -15.11 6.52 -29.05
C THR B 170 -14.91 7.33 -30.33
N LEU B 171 -15.93 8.08 -30.80
CA LEU B 171 -15.97 8.84 -32.06
C LEU B 171 -14.66 9.54 -32.49
N PRO B 172 -13.91 10.28 -31.64
CA PRO B 172 -12.67 10.92 -32.14
C PRO B 172 -11.60 9.93 -32.60
N TYR B 173 -11.63 8.70 -32.05
CA TYR B 173 -10.68 7.62 -32.32
C TYR B 173 -11.15 6.61 -33.37
N VAL B 174 -12.48 6.53 -33.64
CA VAL B 174 -13.00 5.55 -34.61
C VAL B 174 -12.61 5.85 -36.03
N ALA B 175 -12.42 4.77 -36.80
CA ALA B 175 -12.08 4.79 -38.22
C ALA B 175 -13.30 5.28 -39.03
N PRO B 176 -13.09 5.89 -40.21
CA PRO B 176 -14.25 6.36 -40.99
C PRO B 176 -15.14 5.25 -41.56
N GLU B 177 -14.60 4.03 -41.76
CA GLU B 177 -15.39 2.92 -42.30
C GLU B 177 -16.41 2.37 -41.31
N LEU B 178 -16.22 2.59 -39.99
CA LEU B 178 -17.21 2.13 -39.01
C LEU B 178 -18.56 2.82 -39.23
N LEU B 179 -18.51 4.11 -39.60
CA LEU B 179 -19.70 4.91 -39.80
C LEU B 179 -20.33 4.73 -41.18
N LYS B 180 -19.58 4.28 -42.18
CA LYS B 180 -20.11 4.19 -43.54
C LYS B 180 -20.47 2.78 -44.02
N ARG B 181 -19.73 1.77 -43.59
CA ARG B 181 -19.96 0.40 -44.04
C ARG B 181 -20.60 -0.49 -43.00
N ARG B 182 -21.49 -1.39 -43.42
CA ARG B 182 -22.19 -2.32 -42.54
C ARG B 182 -21.24 -3.40 -42.02
N GLU B 183 -20.22 -3.77 -42.81
CA GLU B 183 -19.19 -4.74 -42.45
C GLU B 183 -17.81 -4.18 -42.80
N PHE B 184 -16.81 -4.50 -41.98
CA PHE B 184 -15.47 -3.94 -42.17
C PHE B 184 -14.37 -4.80 -41.51
N HIS B 185 -13.10 -4.59 -41.90
CA HIS B 185 -11.98 -5.35 -41.36
C HIS B 185 -11.51 -4.80 -40.02
N ALA B 186 -11.24 -5.68 -39.05
CA ALA B 186 -10.84 -5.28 -37.70
C ALA B 186 -9.47 -4.61 -37.58
N GLU B 187 -8.43 -5.19 -38.20
CA GLU B 187 -7.09 -4.64 -38.10
C GLU B 187 -6.93 -3.18 -38.60
N PRO B 188 -7.44 -2.78 -39.80
CA PRO B 188 -7.29 -1.37 -40.21
C PRO B 188 -7.96 -0.38 -39.23
N VAL B 189 -8.99 -0.83 -38.49
CA VAL B 189 -9.69 0.00 -37.51
C VAL B 189 -8.80 0.32 -36.29
N ASP B 190 -8.05 -0.69 -35.83
CA ASP B 190 -7.12 -0.56 -34.70
C ASP B 190 -5.88 0.28 -35.12
N VAL B 191 -5.42 0.14 -36.37
CA VAL B 191 -4.30 0.93 -36.91
C VAL B 191 -4.68 2.43 -36.96
N TRP B 192 -5.94 2.73 -37.29
CA TRP B 192 -6.42 4.11 -37.31
C TRP B 192 -6.41 4.72 -35.90
N SER B 193 -6.97 4.03 -34.88
CA SER B 193 -7.01 4.59 -33.52
C SER B 193 -5.65 4.82 -32.93
N CYS B 194 -4.67 4.00 -33.32
CA CYS B 194 -3.28 4.18 -32.90
C CYS B 194 -2.71 5.50 -33.42
N GLY B 195 -3.10 5.89 -34.64
CA GLY B 195 -2.67 7.12 -35.27
C GLY B 195 -3.21 8.33 -34.53
N ILE B 196 -4.46 8.24 -34.08
CA ILE B 196 -5.07 9.31 -33.30
C ILE B 196 -4.33 9.42 -31.95
N VAL B 197 -3.94 8.28 -31.35
CA VAL B 197 -3.18 8.25 -30.10
C VAL B 197 -1.81 8.91 -30.30
N LEU B 198 -1.14 8.63 -31.42
CA LEU B 198 0.14 9.27 -31.74
C LEU B 198 -0.07 10.77 -31.97
N THR B 199 -1.19 11.16 -32.58
CA THR B 199 -1.52 12.57 -32.78
C THR B 199 -1.69 13.26 -31.41
N ALA B 200 -2.42 12.60 -30.49
CA ALA B 200 -2.66 13.07 -29.13
C ALA B 200 -1.36 13.18 -28.35
N MET B 201 -0.40 12.27 -28.56
CA MET B 201 0.88 12.33 -27.85
C MET B 201 1.81 13.40 -28.39
N LEU B 202 1.76 13.68 -29.69
CA LEU B 202 2.66 14.67 -30.30
C LEU B 202 2.07 16.07 -30.33
N ALA B 203 0.75 16.24 -30.09
CA ALA B 203 0.13 17.57 -30.13
C ALA B 203 -0.81 17.90 -28.98
N GLY B 204 -1.09 16.93 -28.12
CA GLY B 204 -2.00 17.10 -26.99
C GLY B 204 -3.38 17.61 -27.40
N GLU B 205 -3.81 17.28 -28.61
CA GLU B 205 -5.04 17.78 -29.20
C GLU B 205 -5.60 16.75 -30.20
N LEU B 206 -6.93 16.56 -30.23
CA LEU B 206 -7.56 15.62 -31.16
C LEU B 206 -7.97 16.36 -32.42
N PRO B 207 -7.71 15.78 -33.60
CA PRO B 207 -7.95 16.54 -34.84
C PRO B 207 -9.43 16.74 -35.23
N TRP B 208 -10.35 15.90 -34.77
CA TRP B 208 -11.76 16.01 -35.15
C TRP B 208 -12.66 15.26 -34.16
N ASP B 209 -13.92 15.70 -34.06
CA ASP B 209 -14.92 15.08 -33.20
C ASP B 209 -15.26 13.66 -33.71
N GLN B 210 -15.24 13.46 -35.04
CA GLN B 210 -15.55 12.19 -35.68
C GLN B 210 -14.97 12.20 -37.10
N PRO B 211 -14.58 11.03 -37.65
CA PRO B 211 -14.01 11.02 -39.00
C PRO B 211 -15.11 10.96 -40.06
N SER B 212 -15.92 12.01 -40.12
CA SER B 212 -16.97 12.10 -41.11
C SER B 212 -16.89 13.43 -41.86
N ASP B 213 -17.32 13.39 -43.11
CA ASP B 213 -17.36 14.49 -44.09
C ASP B 213 -18.11 15.70 -43.54
N SER B 214 -19.12 15.49 -42.70
CA SER B 214 -19.86 16.58 -42.06
C SER B 214 -18.97 17.40 -41.11
N CYS B 215 -17.88 16.80 -40.60
CA CYS B 215 -16.95 17.41 -39.66
C CYS B 215 -15.85 18.20 -40.40
N GLN B 216 -15.84 19.53 -40.22
CA GLN B 216 -14.95 20.45 -40.91
C GLN B 216 -13.46 20.11 -40.80
N GLU B 217 -12.98 19.82 -39.59
CA GLU B 217 -11.56 19.51 -39.37
C GLU B 217 -11.11 18.23 -40.08
N TYR B 218 -12.02 17.28 -40.27
CA TYR B 218 -11.72 16.04 -40.99
C TYR B 218 -11.63 16.32 -42.49
N SER B 219 -12.54 17.17 -43.02
CA SER B 219 -12.51 17.59 -44.42
C SER B 219 -11.20 18.34 -44.71
N ASP B 220 -10.72 19.15 -43.75
CA ASP B 220 -9.46 19.89 -43.90
C ASP B 220 -8.24 18.97 -44.03
N TRP B 221 -8.21 17.86 -43.28
CA TRP B 221 -7.12 16.88 -43.33
C TRP B 221 -7.16 16.11 -44.66
N LYS B 222 -8.36 15.81 -45.19
CA LYS B 222 -8.49 15.16 -46.49
C LYS B 222 -7.99 16.12 -47.58
N GLU B 223 -8.28 17.43 -47.44
CA GLU B 223 -7.83 18.50 -48.35
C GLU B 223 -6.32 18.86 -48.22
N LYS B 224 -5.58 18.09 -47.41
CA LYS B 224 -4.15 18.19 -47.11
C LYS B 224 -3.68 19.50 -46.47
N LYS B 225 -4.55 20.22 -45.74
CA LYS B 225 -4.16 21.48 -45.09
C LYS B 225 -3.40 21.25 -43.77
N THR B 226 -2.16 20.75 -43.88
CA THR B 226 -1.33 20.48 -42.69
C THR B 226 -0.70 21.73 -42.07
N TYR B 227 -1.11 22.92 -42.51
CA TYR B 227 -0.68 24.15 -41.90
C TYR B 227 -1.56 24.49 -40.67
N LEU B 228 -2.74 23.85 -40.52
CA LEU B 228 -3.65 24.04 -39.40
C LEU B 228 -3.29 23.06 -38.23
N ASN B 229 -3.79 23.34 -37.03
CA ASN B 229 -3.56 22.49 -35.86
C ASN B 229 -4.46 21.22 -35.93
N PRO B 230 -4.04 20.08 -35.34
CA PRO B 230 -2.79 19.85 -34.59
C PRO B 230 -1.52 19.58 -35.43
N TRP B 231 -1.69 19.44 -36.75
CA TRP B 231 -0.64 19.08 -37.70
C TRP B 231 0.55 20.03 -37.71
N LYS B 232 0.31 21.35 -37.54
CA LYS B 232 1.42 22.31 -37.54
C LYS B 232 2.34 22.15 -36.33
N LYS B 233 1.88 21.50 -35.24
CA LYS B 233 2.75 21.23 -34.09
C LYS B 233 3.58 19.95 -34.25
N ILE B 234 3.34 19.16 -35.31
CA ILE B 234 3.96 17.86 -35.52
C ILE B 234 5.09 17.91 -36.54
N ASP B 235 6.27 17.40 -36.18
CA ASP B 235 7.46 17.35 -37.05
C ASP B 235 7.15 16.61 -38.38
N SER B 236 7.85 16.94 -39.48
CA SER B 236 7.60 16.33 -40.78
C SER B 236 7.70 14.80 -40.79
N ALA B 237 8.69 14.23 -40.07
CA ALA B 237 8.84 12.79 -40.01
C ALA B 237 7.61 12.08 -39.40
N PRO B 238 7.17 12.30 -38.13
CA PRO B 238 5.97 11.60 -37.65
C PRO B 238 4.68 11.94 -38.42
N LEU B 239 4.61 13.17 -38.98
CA LEU B 239 3.47 13.62 -39.76
C LEU B 239 3.39 12.85 -41.09
N ALA B 240 4.54 12.46 -41.68
CA ALA B 240 4.53 11.67 -42.92
C ALA B 240 3.96 10.25 -42.64
N LEU B 241 4.20 9.71 -41.42
CA LEU B 241 3.65 8.42 -40.97
C LEU B 241 2.15 8.57 -40.73
N LEU B 242 1.72 9.70 -40.15
CA LEU B 242 0.32 10.00 -39.92
C LEU B 242 -0.45 10.14 -41.25
N HIS B 243 0.22 10.63 -42.30
CA HIS B 243 -0.38 10.70 -43.63
C HIS B 243 -0.64 9.26 -44.17
N LYS B 244 0.15 8.27 -43.71
CA LYS B 244 0.00 6.87 -44.11
C LYS B 244 -1.03 6.13 -43.27
N ILE B 245 -1.19 6.53 -41.99
CA ILE B 245 -2.13 5.90 -41.07
C ILE B 245 -3.54 6.43 -41.25
N LEU B 246 -3.73 7.77 -41.20
CA LEU B 246 -5.07 8.33 -41.31
C LEU B 246 -5.57 8.48 -42.76
N VAL B 247 -5.57 7.36 -43.50
CA VAL B 247 -6.01 7.23 -44.89
C VAL B 247 -7.47 6.75 -44.83
N GLU B 248 -8.42 7.46 -45.49
CA GLU B 248 -9.83 7.09 -45.40
C GLU B 248 -10.18 5.68 -45.93
N ASN B 249 -9.54 5.24 -47.02
CA ASN B 249 -9.81 3.91 -47.59
C ASN B 249 -9.09 2.88 -46.77
N PRO B 250 -9.84 1.99 -46.09
CA PRO B 250 -9.18 0.97 -45.25
C PRO B 250 -8.33 -0.04 -46.01
N SER B 251 -8.64 -0.27 -47.29
CA SER B 251 -7.87 -1.20 -48.12
C SER B 251 -6.56 -0.62 -48.65
N ALA B 252 -6.31 0.69 -48.43
CA ALA B 252 -5.10 1.38 -48.86
C ALA B 252 -4.33 2.03 -47.69
N ARG B 253 -4.84 1.89 -46.44
CA ARG B 253 -4.23 2.38 -45.22
C ARG B 253 -2.96 1.56 -44.93
N ILE B 254 -1.98 2.17 -44.24
CA ILE B 254 -0.75 1.45 -43.90
C ILE B 254 -1.03 0.32 -42.90
N THR B 255 -0.28 -0.82 -43.05
CA THR B 255 -0.43 -1.97 -42.17
C THR B 255 0.71 -1.96 -41.14
N ILE B 256 0.52 -2.64 -39.98
CA ILE B 256 1.57 -2.68 -38.96
C ILE B 256 2.95 -3.14 -39.49
N PRO B 257 3.08 -4.24 -40.30
CA PRO B 257 4.42 -4.58 -40.82
C PRO B 257 5.09 -3.40 -41.54
N ASP B 258 4.30 -2.59 -42.26
CA ASP B 258 4.82 -1.42 -42.98
C ASP B 258 5.03 -0.18 -42.11
N ILE B 259 4.32 -0.05 -40.97
CA ILE B 259 4.56 1.02 -40.00
C ILE B 259 5.95 0.77 -39.38
N LYS B 260 6.30 -0.51 -39.11
CA LYS B 260 7.60 -0.92 -38.60
C LYS B 260 8.76 -0.61 -39.57
N LYS B 261 8.46 -0.33 -40.85
CA LYS B 261 9.43 0.04 -41.88
C LYS B 261 9.56 1.56 -42.07
N ASP B 262 8.63 2.36 -41.51
CA ASP B 262 8.56 3.81 -41.61
C ASP B 262 9.81 4.55 -41.12
N ARG B 263 10.10 5.71 -41.71
CA ARG B 263 11.26 6.51 -41.33
C ARG B 263 11.25 6.95 -39.85
N TRP B 264 10.20 7.62 -39.41
CA TRP B 264 10.09 8.09 -38.02
C TRP B 264 10.07 6.94 -37.00
N TYR B 265 9.37 5.83 -37.31
CA TYR B 265 9.30 4.66 -36.42
C TYR B 265 10.71 4.18 -36.06
N ASN B 266 11.60 4.15 -37.06
CA ASN B 266 12.98 3.72 -36.91
C ASN B 266 13.96 4.86 -36.67
N LYS B 267 13.49 6.06 -36.30
CA LYS B 267 14.34 7.21 -36.07
C LYS B 267 14.97 7.20 -34.70
N PRO B 268 16.30 7.21 -34.62
CA PRO B 268 16.95 7.27 -33.30
C PRO B 268 16.68 8.64 -32.66
N LEU B 269 16.05 8.67 -31.47
CA LEU B 269 15.70 9.90 -30.73
C LEU B 269 16.15 9.81 -29.25
N LYS B 270 16.37 10.95 -28.61
CA LYS B 270 16.79 11.02 -27.19
C LYS B 270 16.45 12.42 -26.65
N LYS B 271 16.14 12.52 -25.34
CA LYS B 271 15.77 13.76 -24.64
C LYS B 271 14.43 14.35 -25.10
N1 ZXL C . 0.95 0.45 35.57
N3 ZXL C . 11.57 0.70 46.47
C4 ZXL C . 6.83 -3.44 40.24
C5 ZXL C . 4.89 -3.92 38.74
C6 ZXL C . 3.81 -3.45 38.03
C7 ZXL C . 3.47 -2.10 38.05
C8 ZXL C . 4.23 -1.24 38.80
C10 ZXL C . 2.78 -1.20 35.79
C13 ZXL C . 1.61 -0.36 37.84
C15 ZXL C . 0.43 1.46 33.26
C17 ZXL C . -0.48 2.55 35.15
C20 ZXL C . 9.28 1.28 42.80
C21 ZXL C . 9.34 2.76 43.09
C22 ZXL C . 8.94 1.82 44.19
C24 ZXL C . 10.85 0.51 45.35
C26 ZXL C . 12.71 -0.08 46.93
O2 ZXL C . 7.13 1.48 41.75
C19 ZXL C . 8.10 0.77 42.01
C23 ZXL C . 9.91 1.52 45.30
C25 ZXL C . 10.13 2.25 46.47
N4 ZXL C . 11.14 1.77 47.18
N2 ZXL C . 8.20 -0.53 41.63
C ZXL C . 7.29 -1.31 40.91
N ZXL C . 7.60 -2.62 40.92
C3 ZXL C . 5.69 -3.06 39.50
CL ZXL C . 2.91 -4.56 37.05
C2 ZXL C . 5.36 -1.69 39.52
C1 ZXL C . 6.18 -0.80 40.24
C9 ZXL C . 2.31 -1.57 37.20
C12 ZXL C . 0.46 0.15 36.96
C11 ZXL C . 1.61 -0.75 34.93
C14 ZXL C . -0.11 1.14 34.66
C18 ZXL C . -1.34 0.24 34.51
O1 ZXL C . 0.68 3.23 35.65
C16 ZXL C . -0.93 3.26 33.88
O ZXL C . -0.11 2.71 32.84
N1 ZXL D . -11.21 2.84 -17.98
N3 ZXL D . -0.51 3.01 -7.12
C4 ZXL D . -5.16 -1.13 -13.68
C5 ZXL D . -7.19 -1.61 -15.06
C6 ZXL D . -8.30 -1.13 -15.70
C7 ZXL D . -8.70 0.20 -15.59
C8 ZXL D . -7.96 1.03 -14.78
C10 ZXL D . -9.41 1.15 -17.82
C13 ZXL D . -10.55 1.97 -15.74
C15 ZXL D . -11.72 3.92 -20.27
C17 ZXL D . -12.60 4.99 -18.33
C20 ZXL D . -2.69 3.45 -10.93
C21 ZXL D . -2.53 4.92 -10.68
C22 ZXL D . -3.04 4.04 -9.57
C24 ZXL D . -1.02 2.93 -8.37
C26 ZXL D . 0.71 2.42 -6.62
O2 ZXL D . -4.77 3.77 -12.04
C19 ZXL D . -3.87 2.99 -11.75
C23 ZXL D . -2.15 3.73 -8.39
C25 ZXL D . -2.24 4.23 -7.10
N4 ZXL D . -1.26 3.80 -6.33
N2 ZXL D . -3.84 1.68 -12.09
C ZXL D . -4.76 0.95 -12.86
N ZXL D . -4.38 -0.33 -13.01
C3 ZXL D . -6.39 -0.76 -14.28
CL ZXL D . -9.19 -2.21 -16.72
C2 ZXL D . -6.78 0.59 -14.13
C1 ZXL D . -5.95 1.46 -13.39
C9 ZXL D . -9.85 0.77 -16.40
C12 ZXL D . -11.71 2.50 -16.59
C11 ZXL D . -10.59 1.65 -18.66
C14 ZXL D . -12.26 3.58 -18.87
C18 ZXL D . -13.52 2.73 -19.04
O1 ZXL D . -11.41 5.63 -17.83
C16 ZXL D . -13.00 5.73 -19.61
O ZXL D . -12.08 5.26 -20.59
#